data_3GD0
#
_entry.id   3GD0
#
_cell.length_a   46.164
_cell.length_b   60.683
_cell.length_c   149.395
_cell.angle_alpha   90.00
_cell.angle_beta   90.00
_cell.angle_gamma   90.00
#
_symmetry.space_group_name_H-M   'P 21 21 21'
#
loop_
_entity.id
_entity.type
_entity.pdbx_description
1 polymer 'Laminaripentaose-producing beta-1,3-guluase (LPHase)'
2 water water
#
_entity_poly.entity_id   1
_entity_poly.type   'polypeptide(L)'
_entity_poly.pdbx_seq_one_letter_code
;MAVPATIPLTITNNSGRAEQIHIYNLGTELSSGRQGWADASGAFHPWPAGGNPPTPAPDASIPGPAPGRSTTIQIPKFSG
RIYFSYGRKMEFRLTTGGLVQPAVQNPTDPNRDILFNWSEYTLNDSGLWINSTQVDMFSAPYTVGVRRGDGTTLSTGKLR
PGGYNGVFNALRGQSGGWANLIQTRSDGTVLRALSPLYGVETGALPASVMDDYINRVWNKYTGTDLIVTPFADRPDVRYT
GRVSGGVLRFTDGSGAVVTTFQKPDASSVFGCHRLLDAPNDQVRGPISRTLCAGFNRTTLLANPHQPDRSAAGFYQEPVT
NHYARIIHAHMADGKAYGFAFDDVGHHESLVHDGDPRGASLTLDPFD
;
_entity_poly.pdbx_strand_id   A
#
# COMPACT_ATOMS: atom_id res chain seq x y z
N VAL A 3 9.36 -20.23 15.34
CA VAL A 3 9.06 -18.80 15.68
C VAL A 3 8.36 -18.78 17.03
N PRO A 4 8.86 -17.96 17.96
CA PRO A 4 8.21 -17.94 19.27
C PRO A 4 6.87 -17.20 19.27
N ALA A 5 6.18 -17.28 20.40
CA ALA A 5 4.84 -16.75 20.52
C ALA A 5 4.80 -15.24 20.29
N THR A 6 5.86 -14.54 20.70
CA THR A 6 5.99 -13.09 20.43
C THR A 6 7.40 -12.74 20.04
N ILE A 7 7.55 -11.63 19.31
CA ILE A 7 8.87 -11.03 19.12
C ILE A 7 8.79 -9.54 19.47
N PRO A 8 9.92 -8.96 19.88
CA PRO A 8 9.85 -7.54 20.25
C PRO A 8 9.85 -6.60 19.07
N LEU A 9 8.95 -5.63 19.10
CA LEU A 9 8.94 -4.54 18.13
C LEU A 9 9.46 -3.29 18.82
N THR A 10 10.60 -2.77 18.35
CA THR A 10 11.16 -1.53 18.91
C THR A 10 10.61 -0.35 18.12
N ILE A 11 9.93 0.56 18.82
CA ILE A 11 9.36 1.75 18.20
C ILE A 11 10.16 2.97 18.63
N THR A 12 10.75 3.67 17.66
CA THR A 12 11.63 4.81 17.95
C THR A 12 11.02 6.11 17.44
N ASN A 13 11.00 7.14 18.28
CA ASN A 13 10.46 8.45 17.89
C ASN A 13 11.57 9.42 17.41
N ASN A 14 11.80 9.43 16.09
CA ASN A 14 12.69 10.42 15.46
C ASN A 14 11.91 11.47 14.68
N SER A 15 10.67 11.73 15.08
CA SER A 15 9.78 12.62 14.33
C SER A 15 10.16 14.09 14.38
N GLY A 16 10.85 14.47 15.45
CA GLY A 16 11.15 15.89 15.70
C GLY A 16 9.94 16.67 16.19
N ARG A 17 8.85 15.95 16.47
CA ARG A 17 7.59 16.61 16.87
C ARG A 17 7.39 16.51 18.38
N ALA A 18 6.60 17.42 18.93
CA ALA A 18 6.43 17.46 20.37
C ALA A 18 5.23 16.67 20.89
N GLU A 19 4.31 16.30 19.99
CA GLU A 19 3.09 15.59 20.43
C GLU A 19 3.37 14.25 21.06
N GLN A 20 2.54 13.86 22.02
CA GLN A 20 2.60 12.50 22.51
C GLN A 20 2.16 11.57 21.38
N ILE A 21 2.63 10.32 21.45
CA ILE A 21 2.32 9.31 20.44
C ILE A 21 1.39 8.23 21.00
N HIS A 22 0.39 7.85 20.21
CA HIS A 22 -0.49 6.74 20.55
C HIS A 22 -0.25 5.60 19.57
N ILE A 23 -0.02 4.40 20.09
CA ILE A 23 0.22 3.22 19.25
C ILE A 23 -0.98 2.28 19.35
N TYR A 24 -1.36 1.65 18.23
CA TYR A 24 -2.42 0.64 18.25
C TYR A 24 -1.93 -0.58 17.50
N ASN A 25 -2.14 -1.76 18.09
CA ASN A 25 -1.77 -3.00 17.40
C ASN A 25 -3.06 -3.79 17.16
N LEU A 26 -3.64 -3.61 15.97
CA LEU A 26 -5.01 -4.07 15.70
C LEU A 26 -5.02 -5.14 14.62
N GLY A 27 -5.72 -6.24 14.85
CA GLY A 27 -5.71 -7.25 13.80
C GLY A 27 -6.45 -8.51 14.17
N THR A 28 -5.91 -9.63 13.71
CA THR A 28 -6.54 -10.94 13.92
C THR A 28 -5.55 -11.90 14.56
N GLU A 29 -5.98 -12.54 15.66
CA GLU A 29 -5.15 -13.51 16.37
C GLU A 29 -5.05 -14.82 15.59
N LEU A 30 -3.83 -15.33 15.39
CA LEU A 30 -3.64 -16.50 14.56
C LEU A 30 -4.33 -17.75 15.13
N SER A 31 -4.11 -18.00 16.41
CA SER A 31 -4.62 -19.24 17.01
C SER A 31 -6.14 -19.36 16.93
N SER A 32 -6.85 -18.25 17.19
CA SER A 32 -8.30 -18.27 17.34
C SER A 32 -9.05 -17.73 16.13
N GLY A 33 -8.36 -16.95 15.29
CA GLY A 33 -9.00 -16.27 14.19
C GLY A 33 -9.89 -15.11 14.59
N ARG A 34 -9.86 -14.74 15.87
CA ARG A 34 -10.68 -13.63 16.35
C ARG A 34 -10.00 -12.28 16.13
N GLN A 35 -10.81 -11.26 15.84
CA GLN A 35 -10.30 -9.89 15.72
C GLN A 35 -10.21 -9.20 17.07
N GLY A 36 -9.17 -8.38 17.24
CA GLY A 36 -9.04 -7.57 18.45
C GLY A 36 -7.73 -6.80 18.43
N TRP A 37 -7.18 -6.55 19.61
CA TRP A 37 -5.97 -5.77 19.75
C TRP A 37 -5.01 -6.44 20.71
N ALA A 38 -3.74 -6.06 20.61
CA ALA A 38 -2.76 -6.57 21.56
C ALA A 38 -2.19 -5.40 22.34
N ASP A 39 -1.94 -5.61 23.64
CA ASP A 39 -1.32 -4.58 24.47
C ASP A 39 0.23 -4.68 24.42
N ALA A 40 0.90 -3.84 25.19
CA ALA A 40 2.35 -3.78 25.11
C ALA A 40 3.03 -5.12 25.43
N SER A 41 2.39 -5.93 26.28
CA SER A 41 2.96 -7.22 26.68
C SER A 41 2.72 -8.30 25.64
N GLY A 42 1.93 -7.99 24.61
CA GLY A 42 1.62 -8.98 23.59
C GLY A 42 0.31 -9.72 23.85
N ALA A 43 -0.31 -9.47 25.01
CA ALA A 43 -1.57 -10.11 25.36
C ALA A 43 -2.70 -9.68 24.41
N PHE A 44 -3.51 -10.65 24.00
CA PHE A 44 -4.61 -10.40 23.06
C PHE A 44 -5.95 -10.09 23.74
N HIS A 45 -6.65 -9.09 23.20
CA HIS A 45 -7.95 -8.70 23.70
C HIS A 45 -8.96 -8.68 22.56
N PRO A 46 -9.90 -9.64 22.54
CA PRO A 46 -10.87 -9.63 21.45
C PRO A 46 -11.76 -8.40 21.51
N TRP A 47 -12.13 -7.86 20.35
CA TRP A 47 -13.10 -6.78 20.36
C TRP A 47 -14.43 -7.29 20.89
N PRO A 48 -15.16 -6.42 21.59
CA PRO A 48 -16.56 -6.76 21.89
C PRO A 48 -17.38 -6.78 20.59
N ALA A 49 -18.59 -7.32 20.65
CA ALA A 49 -19.43 -7.41 19.46
C ALA A 49 -19.81 -6.04 18.93
N GLY A 50 -19.77 -5.91 17.61
CA GLY A 50 -20.08 -4.65 16.96
C GLY A 50 -21.52 -4.63 16.47
N GLY A 51 -21.77 -3.79 15.49
CA GLY A 51 -23.15 -3.54 15.09
C GLY A 51 -23.32 -2.95 13.72
N ASN A 52 -24.58 -2.87 13.31
CA ASN A 52 -24.93 -2.21 12.06
C ASN A 52 -26.10 -1.31 12.37
N PRO A 53 -25.84 0.00 12.49
CA PRO A 53 -24.56 0.68 12.19
C PRO A 53 -23.46 0.39 13.20
N PRO A 54 -22.22 0.64 12.79
CA PRO A 54 -21.09 0.33 13.68
C PRO A 54 -21.10 1.13 14.99
N THR A 55 -20.57 0.53 16.04
CA THR A 55 -20.56 1.17 17.36
C THR A 55 -19.10 1.37 17.82
N PRO A 56 -18.88 2.19 18.86
CA PRO A 56 -17.51 2.57 19.23
C PRO A 56 -16.67 1.42 19.75
N ALA A 57 -15.40 1.40 19.36
CA ALA A 57 -14.44 0.44 19.91
C ALA A 57 -13.89 0.95 21.25
N PRO A 58 -13.53 0.02 22.13
CA PRO A 58 -12.87 0.42 23.37
C PRO A 58 -11.49 0.97 23.04
N ASP A 59 -10.93 1.75 23.94
CA ASP A 59 -9.62 2.38 23.74
C ASP A 59 -8.50 1.35 23.79
N ALA A 60 -7.90 1.06 22.64
CA ALA A 60 -6.85 0.06 22.47
C ALA A 60 -5.45 0.69 22.40
N SER A 61 -5.35 1.96 22.76
CA SER A 61 -4.07 2.65 22.64
C SER A 61 -3.02 2.15 23.63
N ILE A 62 -1.78 2.24 23.18
CA ILE A 62 -0.59 1.98 23.99
C ILE A 62 0.26 3.25 23.88
N PRO A 63 0.78 3.77 25.00
CA PRO A 63 1.62 4.97 24.87
C PRO A 63 2.88 4.71 24.07
N GLY A 64 3.13 5.59 23.12
CA GLY A 64 4.29 5.48 22.25
C GLY A 64 5.49 6.22 22.81
N PRO A 65 6.64 6.10 22.13
CA PRO A 65 7.89 6.71 22.58
C PRO A 65 7.92 8.22 22.49
N ALA A 66 8.52 8.87 23.48
CA ALA A 66 8.74 10.32 23.42
C ALA A 66 9.91 10.63 22.49
N PRO A 67 10.07 11.90 22.10
CA PRO A 67 11.08 12.28 21.12
C PRO A 67 12.47 11.87 21.54
N GLY A 68 13.17 11.16 20.65
CA GLY A 68 14.52 10.74 20.93
C GLY A 68 14.64 9.40 21.61
N ARG A 69 13.52 8.81 21.99
CA ARG A 69 13.54 7.57 22.76
C ARG A 69 12.86 6.46 21.98
N SER A 70 13.06 5.22 22.43
CA SER A 70 12.31 4.08 21.91
C SER A 70 11.52 3.39 23.00
N THR A 71 10.46 2.69 22.60
CA THR A 71 9.69 1.83 23.47
C THR A 71 9.63 0.46 22.81
N THR A 72 9.39 -0.58 23.59
CA THR A 72 9.25 -1.91 23.01
C THR A 72 7.87 -2.47 23.29
N ILE A 73 7.23 -3.05 22.27
CA ILE A 73 6.04 -3.84 22.53
C ILE A 73 6.30 -5.24 22.02
N GLN A 74 5.56 -6.22 22.53
CA GLN A 74 5.68 -7.58 22.06
C GLN A 74 4.59 -7.82 21.04
N ILE A 75 4.98 -8.31 19.85
CA ILE A 75 4.02 -8.65 18.80
C ILE A 75 3.75 -10.14 18.86
N PRO A 76 2.47 -10.54 18.99
CA PRO A 76 2.14 -11.96 18.97
C PRO A 76 1.88 -12.46 17.55
N LYS A 77 1.64 -13.76 17.40
CA LYS A 77 1.27 -14.26 16.08
C LYS A 77 -0.12 -13.71 15.72
N PHE A 78 -0.14 -12.89 14.68
CA PHE A 78 -1.17 -11.87 14.50
C PHE A 78 -1.00 -11.37 13.09
N SER A 79 -2.10 -10.98 12.46
CA SER A 79 -2.02 -10.32 11.15
C SER A 79 -2.82 -9.04 11.27
N GLY A 80 -2.21 -7.91 10.92
CA GLY A 80 -2.93 -6.67 11.17
C GLY A 80 -2.08 -5.46 10.88
N ARG A 81 -2.22 -4.44 11.72
CA ARG A 81 -1.58 -3.15 11.48
C ARG A 81 -1.06 -2.58 12.78
N ILE A 82 0.10 -1.91 12.69
CA ILE A 82 0.52 -1.05 13.78
C ILE A 82 0.19 0.37 13.37
N TYR A 83 -0.73 1.01 14.07
CA TYR A 83 -1.03 2.43 13.84
C TYR A 83 -0.27 3.30 14.80
N PHE A 84 0.07 4.51 14.36
CA PHE A 84 0.57 5.51 15.29
C PHE A 84 -0.08 6.83 14.97
N SER A 85 -0.47 7.55 16.02
CA SER A 85 -1.06 8.86 15.86
C SER A 85 -0.38 9.90 16.73
N TYR A 86 -0.39 11.15 16.25
CA TYR A 86 0.28 12.27 16.95
C TYR A 86 -0.76 13.10 17.70
N GLY A 87 -0.62 13.14 19.02
CA GLY A 87 -1.47 14.02 19.83
C GLY A 87 -2.83 13.41 20.14
N ARG A 88 -3.67 13.34 19.12
CA ARG A 88 -5.03 12.84 19.30
C ARG A 88 -5.08 11.33 19.19
N LYS A 89 -5.97 10.73 19.99
CA LYS A 89 -6.29 9.32 19.81
C LYS A 89 -7.14 9.13 18.60
N MET A 90 -7.04 7.95 18.03
CA MET A 90 -7.90 7.62 16.92
C MET A 90 -9.25 7.12 17.39
N GLU A 91 -10.25 7.26 16.52
CA GLU A 91 -11.59 6.77 16.76
C GLU A 91 -11.80 5.53 15.85
N PHE A 92 -11.97 4.37 16.45
CA PHE A 92 -12.25 3.16 15.69
C PHE A 92 -13.68 2.71 15.99
N ARG A 93 -14.30 2.05 15.03
CA ARG A 93 -15.66 1.52 15.23
C ARG A 93 -15.75 0.05 14.87
N LEU A 94 -16.80 -0.58 15.39
CA LEU A 94 -16.98 -2.02 15.22
C LEU A 94 -18.29 -2.33 14.49
N THR A 95 -18.16 -2.99 13.36
CA THR A 95 -19.33 -3.46 12.61
C THR A 95 -19.60 -4.92 12.94
N THR A 96 -20.62 -5.49 12.32
CA THR A 96 -21.06 -6.85 12.61
C THR A 96 -19.89 -7.81 12.51
N GLY A 97 -19.07 -7.61 11.47
CA GLY A 97 -17.99 -8.53 11.18
C GLY A 97 -16.65 -8.18 11.83
N GLY A 98 -16.60 -7.08 12.56
CA GLY A 98 -15.35 -6.67 13.22
C GLY A 98 -14.94 -5.23 13.01
N LEU A 99 -13.63 -4.99 13.00
CA LEU A 99 -13.10 -3.62 12.98
C LEU A 99 -13.36 -2.91 11.64
N VAL A 100 -13.84 -1.67 11.70
CA VAL A 100 -13.99 -0.86 10.49
C VAL A 100 -12.67 -0.15 10.19
N GLN A 101 -12.17 -0.26 8.95
CA GLN A 101 -10.95 0.44 8.59
C GLN A 101 -11.23 1.95 8.45
N PRO A 102 -10.28 2.81 8.85
CA PRO A 102 -10.50 4.23 8.59
C PRO A 102 -10.58 4.48 7.10
N ALA A 103 -11.33 5.50 6.72
CA ALA A 103 -11.53 5.84 5.30
C ALA A 103 -11.46 7.35 5.18
N VAL A 104 -10.25 7.89 5.27
CA VAL A 104 -10.13 9.33 5.35
C VAL A 104 -10.30 10.06 4.03
N GLN A 105 -10.57 9.33 2.94
CA GLN A 105 -11.03 10.01 1.71
C GLN A 105 -12.43 10.59 1.91
N ASN A 106 -13.12 10.12 2.96
CA ASN A 106 -14.43 10.66 3.30
C ASN A 106 -14.30 11.87 4.22
N PRO A 107 -14.86 13.02 3.81
CA PRO A 107 -14.77 14.21 4.66
C PRO A 107 -15.28 14.01 6.08
N THR A 108 -16.23 13.10 6.27
CA THR A 108 -16.82 12.90 7.58
C THR A 108 -16.15 11.80 8.40
N ASP A 109 -15.08 11.21 7.88
CA ASP A 109 -14.42 10.16 8.67
C ASP A 109 -13.98 10.76 10.00
N PRO A 110 -14.20 10.04 11.12
CA PRO A 110 -13.84 10.63 12.41
C PRO A 110 -12.33 10.85 12.59
N ASN A 111 -11.51 10.19 11.78
CA ASN A 111 -10.06 10.39 11.87
C ASN A 111 -9.50 11.33 10.81
N ARG A 112 -10.39 11.98 10.07
CA ARG A 112 -9.97 12.84 8.99
C ARG A 112 -8.93 13.89 9.40
N ASP A 113 -9.09 14.49 10.58
CA ASP A 113 -8.21 15.59 10.95
C ASP A 113 -7.03 15.17 11.83
N ILE A 114 -6.89 13.87 12.03
CA ILE A 114 -5.83 13.33 12.88
C ILE A 114 -4.62 12.98 12.02
N LEU A 115 -3.44 13.36 12.51
CA LEU A 115 -2.18 12.97 11.89
C LEU A 115 -1.78 11.57 12.35
N PHE A 116 -1.89 10.59 11.45
CA PHE A 116 -1.60 9.19 11.81
C PHE A 116 -1.10 8.42 10.59
N ASN A 117 -0.53 7.24 10.83
CA ASN A 117 -0.23 6.33 9.74
C ASN A 117 -0.24 4.91 10.27
N TRP A 118 -0.07 3.95 9.38
CA TRP A 118 0.05 2.58 9.84
C TRP A 118 1.02 1.81 8.97
N SER A 119 1.55 0.74 9.55
CA SER A 119 2.31 -0.32 8.86
C SER A 119 1.49 -1.61 8.88
N GLU A 120 1.54 -2.39 7.81
CA GLU A 120 0.84 -3.70 7.76
C GLU A 120 1.83 -4.81 8.02
N TYR A 121 1.47 -5.78 8.87
CA TYR A 121 2.38 -6.87 9.19
C TYR A 121 1.66 -8.19 9.40
N THR A 122 2.41 -9.28 9.23
CA THR A 122 1.94 -10.59 9.63
C THR A 122 3.07 -11.30 10.36
N LEU A 123 2.78 -11.86 11.53
CA LEU A 123 3.71 -12.76 12.20
C LEU A 123 3.01 -14.10 12.34
N ASN A 124 3.61 -15.14 11.79
CA ASN A 124 3.01 -16.47 11.93
C ASN A 124 4.09 -17.55 12.05
N ASP A 125 3.72 -18.82 11.89
CA ASP A 125 4.71 -19.88 12.05
C ASP A 125 5.82 -19.84 11.00
N SER A 126 5.57 -19.11 9.90
CA SER A 126 6.53 -19.01 8.79
C SER A 126 7.32 -17.71 8.81
N GLY A 127 7.14 -16.93 9.88
CA GLY A 127 7.97 -15.74 10.09
C GLY A 127 7.23 -14.42 10.12
N LEU A 128 7.95 -13.35 9.77
CA LEU A 128 7.42 -11.99 9.80
C LEU A 128 7.46 -11.34 8.42
N TRP A 129 6.38 -10.63 8.09
CA TRP A 129 6.34 -9.73 6.94
C TRP A 129 5.91 -8.40 7.50
N ILE A 130 6.62 -7.34 7.16
CA ILE A 130 6.23 -6.01 7.63
C ILE A 130 6.49 -4.99 6.53
N ASN A 131 5.57 -4.06 6.32
CA ASN A 131 5.69 -3.14 5.20
C ASN A 131 5.62 -1.66 5.55
N SER A 132 6.02 -0.87 4.56
CA SER A 132 5.76 0.54 4.47
C SER A 132 4.77 0.67 3.29
N THR A 133 3.60 1.26 3.53
CA THR A 133 2.62 1.32 2.45
C THR A 133 2.11 2.73 2.19
N GLN A 134 1.91 3.03 0.91
CA GLN A 134 1.27 4.27 0.49
C GLN A 134 0.09 3.97 -0.41
N VAL A 135 -0.47 2.77 -0.29
CA VAL A 135 -1.55 2.38 -1.19
C VAL A 135 -2.79 3.25 -1.00
N ASP A 136 -3.06 3.65 0.24
CA ASP A 136 -4.23 4.50 0.51
C ASP A 136 -3.89 5.97 0.63
N MET A 137 -2.70 6.27 1.15
CA MET A 137 -2.32 7.67 1.35
C MET A 137 -0.83 7.81 1.55
N PHE A 138 -0.37 9.05 1.45
CA PHE A 138 1.00 9.39 1.80
C PHE A 138 0.94 10.36 2.97
N SER A 139 1.44 9.94 4.12
CA SER A 139 1.32 10.73 5.34
C SER A 139 2.48 10.47 6.28
N ALA A 140 2.28 10.74 7.58
CA ALA A 140 3.37 10.73 8.55
C ALA A 140 4.39 9.61 8.27
N PRO A 141 5.65 9.98 8.03
CA PRO A 141 6.59 9.02 7.48
C PRO A 141 7.12 8.03 8.52
N TYR A 142 7.58 6.87 8.04
CA TYR A 142 8.12 5.85 8.96
C TYR A 142 8.95 4.82 8.21
N THR A 143 9.79 4.12 8.97
CA THR A 143 10.65 3.06 8.42
C THR A 143 10.37 1.81 9.22
N VAL A 144 10.31 0.66 8.56
CA VAL A 144 10.13 -0.59 9.29
C VAL A 144 11.32 -1.50 9.03
N GLY A 145 11.59 -2.37 9.98
CA GLY A 145 12.72 -3.29 9.82
C GLY A 145 12.51 -4.64 10.47
N VAL A 146 13.34 -5.59 10.10
CA VAL A 146 13.33 -6.90 10.74
C VAL A 146 14.77 -7.27 11.11
N ARG A 147 14.93 -7.86 12.28
CA ARG A 147 16.19 -8.49 12.64
C ARG A 147 16.04 -9.98 12.38
N ARG A 148 16.83 -10.49 11.44
CA ARG A 148 16.70 -11.85 10.94
C ARG A 148 17.31 -12.86 11.88
N GLY A 149 16.98 -14.12 11.65
CA GLY A 149 17.52 -15.20 12.45
C GLY A 149 19.02 -15.17 12.53
N ASP A 150 19.69 -14.83 11.43
CA ASP A 150 21.14 -14.83 11.44
C ASP A 150 21.76 -13.55 12.03
N GLY A 151 20.91 -12.65 12.54
CA GLY A 151 21.36 -11.42 13.17
C GLY A 151 21.42 -10.21 12.25
N THR A 152 21.39 -10.44 10.95
CA THR A 152 21.44 -9.33 10.00
C THR A 152 20.11 -8.57 10.03
N THR A 153 20.14 -7.31 9.57
CA THR A 153 18.94 -6.48 9.55
C THR A 153 18.52 -6.09 8.15
N LEU A 154 17.22 -5.92 7.93
CA LEU A 154 16.72 -5.31 6.70
C LEU A 154 15.75 -4.23 7.11
N SER A 155 15.76 -3.10 6.41
CA SER A 155 14.68 -2.11 6.64
C SER A 155 14.24 -1.49 5.33
N THR A 156 13.09 -0.82 5.34
CA THR A 156 12.57 -0.17 4.14
C THR A 156 11.57 0.88 4.55
N GLY A 157 11.23 1.78 3.63
CA GLY A 157 10.22 2.79 3.88
C GLY A 157 10.79 4.17 4.09
N LYS A 158 12.10 4.25 4.25
CA LYS A 158 12.78 5.50 4.56
C LYS A 158 12.86 6.47 3.38
N LEU A 159 12.34 7.67 3.59
CA LEU A 159 12.46 8.73 2.57
C LEU A 159 13.86 9.34 2.57
N ARG A 160 14.29 9.77 1.39
CA ARG A 160 15.52 10.56 1.28
C ARG A 160 15.38 11.83 2.10
N PRO A 161 16.51 12.48 2.42
CA PRO A 161 16.40 13.79 3.05
C PRO A 161 15.58 14.75 2.21
N GLY A 162 14.66 15.47 2.84
CA GLY A 162 13.77 16.38 2.15
C GLY A 162 12.67 15.70 1.35
N GLY A 163 12.58 14.38 1.47
CA GLY A 163 11.64 13.60 0.67
C GLY A 163 10.17 13.77 1.03
N TYR A 164 9.89 14.07 2.31
CA TYR A 164 8.49 14.24 2.71
C TYR A 164 7.90 15.47 2.03
N ASN A 165 8.51 16.64 2.23
CA ASN A 165 8.05 17.82 1.55
C ASN A 165 8.25 17.74 0.05
N GLY A 166 9.28 17.01 -0.39
CA GLY A 166 9.53 16.82 -1.82
C GLY A 166 8.36 16.17 -2.55
N VAL A 167 7.81 15.13 -1.92
CA VAL A 167 6.64 14.48 -2.51
C VAL A 167 5.44 15.43 -2.64
N PHE A 168 5.14 16.18 -1.58
CA PHE A 168 4.00 17.07 -1.63
C PHE A 168 4.15 18.16 -2.67
N ASN A 169 5.36 18.72 -2.75
CA ASN A 169 5.60 19.81 -3.67
C ASN A 169 5.44 19.32 -5.09
N ALA A 170 5.88 18.10 -5.35
CA ALA A 170 5.82 17.56 -6.71
C ALA A 170 4.37 17.25 -7.11
N LEU A 171 3.60 16.72 -6.17
CA LEU A 171 2.19 16.48 -6.39
C LEU A 171 1.40 17.75 -6.67
N ARG A 172 1.66 18.78 -5.87
CA ARG A 172 0.94 20.05 -6.03
C ARG A 172 1.16 20.62 -7.42
N GLY A 173 2.38 20.44 -7.93
CA GLY A 173 2.74 20.96 -9.26
C GLY A 173 2.37 20.07 -10.45
N GLN A 174 1.74 18.93 -10.20
CA GLN A 174 1.34 18.04 -11.30
C GLN A 174 -0.08 18.40 -11.74
N SER A 175 -0.23 18.96 -12.94
CA SER A 175 -1.54 19.46 -13.35
C SER A 175 -2.47 18.31 -13.68
N GLY A 176 -3.77 18.56 -13.64
CA GLY A 176 -4.74 17.53 -13.95
C GLY A 176 -5.63 17.11 -12.81
N GLY A 177 -5.29 17.54 -11.59
CA GLY A 177 -6.11 17.24 -10.44
C GLY A 177 -5.34 16.65 -9.27
N TRP A 178 -4.09 16.29 -9.52
CA TRP A 178 -3.23 15.68 -8.51
C TRP A 178 -3.15 16.57 -7.28
N ALA A 179 -3.22 17.88 -7.48
CA ALA A 179 -3.11 18.82 -6.38
C ALA A 179 -4.27 18.71 -5.41
N ASN A 180 -5.41 18.23 -5.91
CA ASN A 180 -6.57 18.08 -5.05
C ASN A 180 -6.54 16.75 -4.30
N LEU A 181 -5.42 16.03 -4.43
CA LEU A 181 -5.18 14.84 -3.59
C LEU A 181 -4.71 15.24 -2.21
N ILE A 182 -4.19 16.46 -2.12
CA ILE A 182 -3.62 16.94 -0.86
C ILE A 182 -4.70 17.41 0.10
N GLN A 183 -4.66 16.88 1.33
CA GLN A 183 -5.52 17.33 2.39
C GLN A 183 -4.68 18.20 3.32
N THR A 184 -5.19 19.38 3.62
CA THR A 184 -4.39 20.43 4.27
C THR A 184 -5.25 21.13 5.30
N ARG A 185 -4.89 21.02 6.58
CA ARG A 185 -5.59 21.78 7.59
C ARG A 185 -5.90 23.13 6.98
N SER A 186 -7.17 23.52 7.01
CA SER A 186 -7.58 24.79 6.38
C SER A 186 -6.65 25.95 6.75
N ASP A 187 -5.76 25.72 7.71
CA ASP A 187 -4.74 26.70 8.08
C ASP A 187 -3.42 26.44 7.35
N GLY A 188 -3.46 25.57 6.34
CA GLY A 188 -2.32 25.42 5.43
C GLY A 188 -1.44 24.19 5.61
N THR A 189 -1.25 23.74 6.83
CA THR A 189 -0.34 22.61 7.08
C THR A 189 -0.83 21.35 6.39
N VAL A 190 0.06 20.66 5.70
CA VAL A 190 -0.33 19.41 5.03
C VAL A 190 -0.59 18.25 6.02
N LEU A 191 -1.63 17.46 5.73
CA LEU A 191 -1.93 16.28 6.53
C LEU A 191 -1.51 14.99 5.82
N ARG A 192 -1.95 14.85 4.58
CA ARG A 192 -1.69 13.65 3.81
C ARG A 192 -2.01 13.95 2.36
N ALA A 193 -1.56 13.09 1.46
CA ALA A 193 -2.06 13.10 0.10
C ALA A 193 -2.74 11.78 -0.14
N LEU A 194 -3.94 11.81 -0.70
CA LEU A 194 -4.65 10.58 -1.04
C LEU A 194 -4.02 9.92 -2.25
N SER A 195 -4.06 8.60 -2.33
CA SER A 195 -3.63 7.90 -3.54
C SER A 195 -4.65 8.19 -4.64
N PRO A 196 -4.25 8.00 -5.91
CA PRO A 196 -5.15 8.37 -7.00
C PRO A 196 -6.44 7.55 -7.09
N LEU A 197 -6.45 6.33 -6.59
CA LEU A 197 -7.73 5.61 -6.49
C LEU A 197 -8.75 6.47 -5.73
N TYR A 198 -8.32 6.99 -4.59
CA TYR A 198 -9.20 7.80 -3.77
C TYR A 198 -9.38 9.19 -4.36
N GLY A 199 -8.41 9.64 -5.16
CA GLY A 199 -8.56 10.85 -6.00
C GLY A 199 -9.72 10.72 -6.99
N VAL A 200 -9.87 9.56 -7.60
CA VAL A 200 -11.02 9.33 -8.49
C VAL A 200 -12.34 9.38 -7.71
N GLU A 201 -12.37 8.71 -6.57
CA GLU A 201 -13.55 8.67 -5.70
C GLU A 201 -13.98 10.08 -5.25
N THR A 202 -13.01 10.94 -4.94
CA THR A 202 -13.34 12.27 -4.41
C THR A 202 -13.58 13.30 -5.51
N GLY A 203 -13.30 12.91 -6.74
CA GLY A 203 -13.44 13.84 -7.87
C GLY A 203 -12.21 14.67 -8.14
N ALA A 204 -11.12 14.40 -7.42
CA ALA A 204 -9.83 15.04 -7.71
C ALA A 204 -9.33 14.71 -9.11
N LEU A 205 -9.52 13.45 -9.55
CA LEU A 205 -9.16 13.03 -10.90
C LEU A 205 -10.37 12.43 -11.59
N PRO A 206 -10.47 12.63 -12.92
CA PRO A 206 -11.61 12.08 -13.68
C PRO A 206 -11.45 10.60 -14.00
N ALA A 207 -12.58 9.90 -14.17
CA ALA A 207 -12.56 8.49 -14.54
C ALA A 207 -11.79 8.25 -15.84
N SER A 208 -11.68 9.30 -16.64
CA SER A 208 -11.08 9.25 -17.97
C SER A 208 -9.59 9.62 -18.06
N VAL A 209 -8.93 9.80 -16.92
CA VAL A 209 -7.60 10.42 -16.96
C VAL A 209 -6.58 9.59 -17.78
N MET A 210 -6.76 8.28 -17.78
CA MET A 210 -5.85 7.39 -18.51
C MET A 210 -6.38 6.93 -19.86
N ASP A 211 -7.46 7.55 -20.33
CA ASP A 211 -8.15 7.02 -21.52
C ASP A 211 -7.27 7.05 -22.76
N ASP A 212 -6.53 8.13 -22.96
CA ASP A 212 -5.70 8.26 -24.16
C ASP A 212 -4.64 7.16 -24.21
N TYR A 213 -3.94 6.94 -23.09
CA TYR A 213 -2.97 5.87 -23.00
C TYR A 213 -3.61 4.49 -23.18
N ILE A 214 -4.73 4.25 -22.51
CA ILE A 214 -5.41 2.95 -22.63
C ILE A 214 -5.82 2.65 -24.06
N ASN A 215 -6.31 3.66 -24.77
CA ASN A 215 -6.70 3.48 -26.16
C ASN A 215 -5.49 3.13 -27.01
N ARG A 216 -4.35 3.74 -26.72
CA ARG A 216 -3.14 3.41 -27.48
C ARG A 216 -2.70 1.96 -27.25
N VAL A 217 -2.85 1.50 -26.01
CA VAL A 217 -2.53 0.11 -25.71
C VAL A 217 -3.45 -0.84 -26.47
N TRP A 218 -4.74 -0.53 -26.44
CA TRP A 218 -5.71 -1.37 -27.13
C TRP A 218 -5.48 -1.40 -28.61
N ASN A 219 -5.13 -0.26 -29.19
CA ASN A 219 -4.79 -0.26 -30.60
C ASN A 219 -3.55 -1.12 -30.88
N LYS A 220 -2.49 -0.91 -30.11
CA LYS A 220 -1.26 -1.67 -30.36
C LYS A 220 -1.51 -3.18 -30.35
N TYR A 221 -2.27 -3.65 -29.37
CA TYR A 221 -2.40 -5.08 -29.20
C TYR A 221 -3.58 -5.69 -29.93
N THR A 222 -4.15 -4.88 -30.83
CA THR A 222 -5.05 -5.39 -31.85
C THR A 222 -4.24 -6.03 -32.97
N GLY A 223 -3.05 -5.47 -33.25
CA GLY A 223 -2.21 -5.93 -34.35
C GLY A 223 -0.96 -6.73 -34.01
N THR A 224 -0.70 -6.90 -32.72
CA THR A 224 0.46 -7.65 -32.28
C THR A 224 0.21 -8.21 -30.88
N ASP A 225 0.94 -9.28 -30.53
CA ASP A 225 0.67 -10.01 -29.29
C ASP A 225 1.24 -9.30 -28.08
N LEU A 226 0.48 -9.36 -26.99
CA LEU A 226 0.99 -8.99 -25.67
C LEU A 226 1.30 -10.28 -24.91
N ILE A 227 2.56 -10.50 -24.58
CA ILE A 227 2.96 -11.75 -23.93
C ILE A 227 3.12 -11.53 -22.43
N VAL A 228 2.40 -12.31 -21.63
CA VAL A 228 2.45 -12.18 -20.17
C VAL A 228 2.99 -13.47 -19.57
N THR A 229 4.07 -13.35 -18.81
CA THR A 229 4.65 -14.49 -18.10
C THR A 229 4.59 -14.18 -16.61
N PRO A 230 3.48 -14.53 -15.96
CA PRO A 230 3.15 -13.88 -14.67
C PRO A 230 3.68 -14.60 -13.44
N PHE A 231 4.46 -15.65 -13.65
CA PHE A 231 5.04 -16.40 -12.54
C PHE A 231 6.55 -16.27 -12.55
N ALA A 232 7.05 -15.50 -11.60
CA ALA A 232 8.47 -15.19 -11.56
C ALA A 232 9.35 -16.44 -11.54
N ASP A 233 8.86 -17.53 -10.97
CA ASP A 233 9.68 -18.76 -10.90
C ASP A 233 9.36 -19.77 -12.00
N ARG A 234 8.37 -19.47 -12.84
CA ARG A 234 8.04 -20.34 -13.97
C ARG A 234 8.07 -19.55 -15.29
N PRO A 235 9.28 -19.20 -15.76
CA PRO A 235 9.41 -18.31 -16.92
C PRO A 235 8.84 -18.90 -18.21
N ASP A 236 8.63 -20.21 -18.27
CA ASP A 236 8.10 -20.80 -19.50
C ASP A 236 6.58 -20.77 -19.63
N VAL A 237 5.89 -20.39 -18.55
CA VAL A 237 4.43 -20.35 -18.57
C VAL A 237 4.00 -19.00 -19.09
N ARG A 238 3.44 -18.99 -20.30
CA ARG A 238 3.12 -17.74 -21.00
C ARG A 238 1.69 -17.69 -21.45
N TYR A 239 1.12 -16.50 -21.47
CA TYR A 239 -0.23 -16.28 -21.97
C TYR A 239 -0.14 -15.19 -23.05
N THR A 240 -0.84 -15.40 -24.15
CA THR A 240 -0.78 -14.50 -25.29
C THR A 240 -2.05 -13.68 -25.38
N GLY A 241 -1.91 -12.36 -25.34
CA GLY A 241 -3.08 -11.48 -25.39
C GLY A 241 -3.19 -10.76 -26.72
N ARG A 242 -4.41 -10.68 -27.23
CA ARG A 242 -4.68 -9.92 -28.45
C ARG A 242 -6.07 -9.32 -28.33
N VAL A 243 -6.22 -8.08 -28.77
CA VAL A 243 -7.52 -7.40 -28.76
C VAL A 243 -8.31 -7.74 -30.03
N SER A 244 -9.54 -8.20 -29.85
CA SER A 244 -10.47 -8.35 -30.98
C SER A 244 -11.88 -8.04 -30.50
N GLY A 245 -12.63 -7.28 -31.29
CA GLY A 245 -13.96 -6.88 -30.88
C GLY A 245 -13.94 -6.03 -29.63
N GLY A 246 -12.84 -5.29 -29.45
CA GLY A 246 -12.69 -4.36 -28.34
C GLY A 246 -12.30 -5.01 -27.03
N VAL A 247 -12.04 -6.32 -27.08
CA VAL A 247 -11.74 -7.09 -25.85
C VAL A 247 -10.34 -7.70 -25.93
N LEU A 248 -9.57 -7.55 -24.85
CA LEU A 248 -8.24 -8.15 -24.78
C LEU A 248 -8.39 -9.58 -24.29
N ARG A 249 -8.11 -10.55 -25.17
CA ARG A 249 -8.34 -11.96 -24.85
C ARG A 249 -7.02 -12.70 -24.71
N PHE A 250 -6.85 -13.43 -23.59
CA PHE A 250 -5.63 -14.20 -23.37
C PHE A 250 -5.82 -15.68 -23.62
N THR A 251 -4.90 -16.25 -24.38
CA THR A 251 -4.89 -17.70 -24.62
C THR A 251 -3.68 -18.34 -23.95
N ASP A 252 -3.86 -19.58 -23.48
CA ASP A 252 -2.75 -20.31 -22.87
C ASP A 252 -2.06 -21.21 -23.91
N GLY A 253 -1.05 -21.93 -23.46
CA GLY A 253 -0.27 -22.78 -24.36
C GLY A 253 -1.17 -23.70 -25.19
N SER A 254 -2.24 -24.19 -24.58
CA SER A 254 -3.08 -25.21 -25.23
C SER A 254 -3.99 -24.61 -26.29
N GLY A 255 -4.08 -23.29 -26.31
CA GLY A 255 -4.89 -22.58 -27.30
C GLY A 255 -6.23 -22.09 -26.78
N ALA A 256 -6.56 -22.43 -25.54
CA ALA A 256 -7.82 -22.00 -24.92
C ALA A 256 -7.78 -20.53 -24.52
N VAL A 257 -8.88 -19.81 -24.73
CA VAL A 257 -9.01 -18.47 -24.15
C VAL A 257 -9.33 -18.65 -22.66
N VAL A 258 -8.45 -18.12 -21.80
CA VAL A 258 -8.55 -18.36 -20.37
C VAL A 258 -9.09 -17.19 -19.55
N THR A 259 -8.96 -15.98 -20.06
CA THR A 259 -9.48 -14.79 -19.39
C THR A 259 -9.55 -13.66 -20.41
N THR A 260 -10.47 -12.72 -20.19
CA THR A 260 -10.64 -11.58 -21.11
C THR A 260 -10.76 -10.27 -20.32
N PHE A 261 -10.29 -9.18 -20.91
CA PHE A 261 -10.35 -7.87 -20.26
C PHE A 261 -11.08 -6.85 -21.11
N GLN A 262 -11.99 -6.09 -20.49
CA GLN A 262 -12.62 -4.97 -21.15
C GLN A 262 -11.69 -3.77 -20.97
N LYS A 263 -11.86 -2.76 -21.81
CA LYS A 263 -11.04 -1.56 -21.67
C LYS A 263 -11.22 -0.97 -20.27
N PRO A 264 -10.12 -0.82 -19.51
CA PRO A 264 -10.23 -0.33 -18.13
C PRO A 264 -10.40 1.19 -18.04
N ASP A 265 -10.78 1.67 -16.85
CA ASP A 265 -10.88 3.10 -16.56
C ASP A 265 -9.90 3.47 -15.44
N ALA A 266 -10.01 4.68 -14.92
CA ALA A 266 -9.01 5.14 -13.97
C ALA A 266 -9.09 4.42 -12.63
N SER A 267 -10.29 4.25 -12.09
CA SER A 267 -10.43 3.51 -10.83
C SER A 267 -9.88 2.09 -10.99
N SER A 268 -10.18 1.47 -12.12
CA SER A 268 -9.73 0.09 -12.32
C SER A 268 -8.21 0.00 -12.28
N VAL A 269 -7.54 0.93 -12.95
CA VAL A 269 -6.07 0.95 -12.98
C VAL A 269 -5.50 1.33 -11.61
N PHE A 270 -5.90 2.50 -11.09
CA PHE A 270 -5.29 2.98 -9.85
C PHE A 270 -5.60 2.09 -8.64
N GLY A 271 -6.74 1.43 -8.66
CA GLY A 271 -7.11 0.52 -7.56
C GLY A 271 -6.84 -0.96 -7.80
N CYS A 272 -6.34 -1.30 -9.00
CA CYS A 272 -6.11 -2.72 -9.35
C CYS A 272 -7.33 -3.58 -9.03
N HIS A 273 -8.48 -3.14 -9.52
CA HIS A 273 -9.75 -3.79 -9.22
C HIS A 273 -10.77 -3.45 -10.30
N ARG A 274 -12.03 -3.81 -10.05
CA ARG A 274 -13.11 -3.56 -11.01
C ARG A 274 -12.83 -4.25 -12.34
N LEU A 275 -12.54 -3.49 -13.39
CA LEU A 275 -12.29 -4.11 -14.69
C LEU A 275 -10.90 -4.77 -14.75
N LEU A 276 -10.08 -4.50 -13.72
CA LEU A 276 -8.78 -5.18 -13.54
C LEU A 276 -8.80 -6.01 -12.25
N ASP A 277 -9.95 -6.58 -11.91
CA ASP A 277 -10.02 -7.47 -10.76
C ASP A 277 -9.00 -8.59 -10.91
N ALA A 278 -8.36 -8.94 -9.80
CA ALA A 278 -7.32 -9.98 -9.77
C ALA A 278 -7.65 -11.02 -8.72
N PRO A 279 -8.58 -11.94 -9.04
CA PRO A 279 -8.96 -12.93 -8.01
C PRO A 279 -7.81 -13.86 -7.66
N VAL A 283 -6.93 -18.41 -13.32
CA VAL A 283 -5.63 -18.03 -13.86
C VAL A 283 -5.62 -16.52 -14.15
N ARG A 284 -6.81 -15.92 -14.07
CA ARG A 284 -6.93 -14.47 -14.26
C ARG A 284 -6.08 -13.65 -13.29
N GLY A 285 -5.97 -14.08 -12.04
CA GLY A 285 -5.32 -13.26 -11.02
C GLY A 285 -3.90 -12.83 -11.37
N PRO A 286 -3.03 -13.80 -11.66
CA PRO A 286 -1.64 -13.48 -12.00
C PRO A 286 -1.53 -12.62 -13.25
N ILE A 287 -2.41 -12.85 -14.21
CA ILE A 287 -2.37 -12.06 -15.46
C ILE A 287 -2.79 -10.62 -15.17
N SER A 288 -3.88 -10.47 -14.45
CA SER A 288 -4.37 -9.14 -14.06
C SER A 288 -3.37 -8.32 -13.27
N ARG A 289 -2.71 -8.96 -12.30
CA ARG A 289 -1.69 -8.30 -11.51
C ARG A 289 -0.56 -7.74 -12.40
N THR A 290 -0.12 -8.53 -13.37
CA THR A 290 0.86 -8.06 -14.33
C THR A 290 0.36 -6.85 -15.12
N LEU A 291 -0.85 -6.94 -15.63
CA LEU A 291 -1.42 -5.81 -16.40
C LEU A 291 -1.57 -4.55 -15.57
N CYS A 292 -2.02 -4.72 -14.32
CA CYS A 292 -2.19 -3.60 -13.40
C CYS A 292 -0.88 -2.81 -13.25
N ALA A 293 0.19 -3.54 -13.02
CA ALA A 293 1.49 -2.91 -12.82
C ALA A 293 1.92 -2.21 -14.11
N GLY A 294 1.69 -2.87 -15.24
CA GLY A 294 2.03 -2.29 -16.54
C GLY A 294 1.28 -1.00 -16.85
N PHE A 295 0.01 -0.92 -16.46
CA PHE A 295 -0.77 0.31 -16.65
C PHE A 295 -0.31 1.41 -15.70
N ASN A 296 -0.14 1.08 -14.42
CA ASN A 296 0.29 2.12 -13.47
C ASN A 296 1.66 2.68 -13.80
N ARG A 297 2.55 1.81 -14.29
CA ARG A 297 3.92 2.22 -14.63
C ARG A 297 4.03 2.66 -16.09
N THR A 298 2.91 2.59 -16.79
CA THR A 298 2.82 2.88 -18.22
C THR A 298 3.94 2.26 -19.06
N THR A 299 4.08 0.94 -18.96
CA THR A 299 5.11 0.23 -19.72
C THR A 299 4.49 -0.68 -20.78
N LEU A 300 3.17 -0.78 -20.81
CA LEU A 300 2.51 -1.74 -21.69
C LEU A 300 2.72 -1.46 -23.17
N LEU A 301 2.66 -0.19 -23.54
CA LEU A 301 2.91 0.19 -24.93
C LEU A 301 4.34 -0.13 -25.35
N ALA A 302 5.30 0.15 -24.46
CA ALA A 302 6.72 0.10 -24.82
C ALA A 302 7.29 -1.31 -24.80
N ASN A 303 6.67 -2.16 -23.98
CA ASN A 303 7.21 -3.48 -23.75
C ASN A 303 6.16 -4.57 -23.83
N PRO A 304 6.17 -5.37 -24.91
CA PRO A 304 5.16 -6.40 -25.14
C PRO A 304 5.45 -7.70 -24.42
N HIS A 305 6.55 -7.77 -23.68
CA HIS A 305 6.87 -8.97 -22.89
C HIS A 305 6.82 -8.62 -21.40
N GLN A 306 5.64 -8.82 -20.82
CA GLN A 306 5.39 -8.38 -19.44
C GLN A 306 5.45 -9.56 -18.49
N PRO A 307 5.82 -9.31 -17.22
CA PRO A 307 6.17 -8.00 -16.66
C PRO A 307 7.55 -7.51 -17.04
N ASP A 308 7.78 -6.22 -16.86
CA ASP A 308 9.10 -5.64 -17.10
C ASP A 308 10.18 -6.32 -16.27
N ARG A 309 11.40 -6.37 -16.83
CA ARG A 309 12.50 -6.98 -16.10
C ARG A 309 13.35 -5.98 -15.32
N SER A 310 13.10 -4.70 -15.52
CA SER A 310 13.72 -3.64 -14.73
C SER A 310 12.82 -2.41 -14.69
N ALA A 311 13.16 -1.46 -13.81
CA ALA A 311 12.36 -0.25 -13.61
C ALA A 311 12.76 0.90 -14.53
N ALA A 312 13.73 0.69 -15.41
CA ALA A 312 14.27 1.80 -16.20
C ALA A 312 13.24 2.54 -17.04
N GLY A 313 12.22 1.83 -17.51
CA GLY A 313 11.20 2.46 -18.35
C GLY A 313 9.91 2.82 -17.63
N PHE A 314 9.93 2.78 -16.31
CA PHE A 314 8.71 3.09 -15.56
C PHE A 314 8.41 4.60 -15.60
N TYR A 315 7.13 4.93 -15.67
CA TYR A 315 6.64 6.29 -15.40
C TYR A 315 7.17 7.37 -16.35
N GLN A 316 7.39 6.99 -17.60
CA GLN A 316 7.95 7.96 -18.58
C GLN A 316 6.88 8.69 -19.41
N GLU A 317 5.67 8.15 -19.48
CA GLU A 317 4.58 8.80 -20.22
C GLU A 317 4.11 10.05 -19.49
N PRO A 318 3.68 11.08 -20.26
CA PRO A 318 3.20 12.33 -19.69
C PRO A 318 2.03 12.14 -18.71
N VAL A 319 1.15 11.19 -19.00
CA VAL A 319 0.10 10.79 -18.06
C VAL A 319 0.43 9.38 -17.60
N THR A 320 0.59 9.21 -16.30
CA THR A 320 1.04 7.93 -15.72
C THR A 320 0.60 8.02 -14.27
N ASN A 321 0.90 6.99 -13.47
CA ASN A 321 0.61 7.14 -12.05
C ASN A 321 1.66 8.04 -11.39
N HIS A 322 1.42 9.35 -11.42
CA HIS A 322 2.40 10.29 -10.92
C HIS A 322 2.63 10.18 -9.42
N TYR A 323 1.57 9.79 -8.69
CA TYR A 323 1.69 9.58 -7.24
C TYR A 323 2.75 8.52 -6.96
N ALA A 324 2.63 7.39 -7.65
CA ALA A 324 3.61 6.32 -7.52
C ALA A 324 5.01 6.73 -8.00
N ARG A 325 5.06 7.44 -9.12
CA ARG A 325 6.33 7.90 -9.69
C ARG A 325 7.10 8.74 -8.68
N ILE A 326 6.39 9.72 -8.14
CA ILE A 326 6.96 10.69 -7.21
C ILE A 326 7.42 10.02 -5.91
N ILE A 327 6.62 9.13 -5.37
CA ILE A 327 6.99 8.45 -4.13
C ILE A 327 8.22 7.56 -4.32
N HIS A 328 8.26 6.77 -5.41
CA HIS A 328 9.43 5.93 -5.64
C HIS A 328 10.71 6.78 -5.76
N ALA A 329 10.58 7.92 -6.43
CA ALA A 329 11.74 8.80 -6.62
C ALA A 329 12.28 9.37 -5.32
N HIS A 330 11.42 9.49 -4.32
CA HIS A 330 11.84 10.07 -3.04
C HIS A 330 12.16 9.07 -1.95
N MET A 331 12.03 7.79 -2.26
CA MET A 331 12.39 6.75 -1.28
C MET A 331 13.87 6.44 -1.40
N ALA A 332 14.55 6.37 -0.27
CA ALA A 332 15.98 6.09 -0.29
C ALA A 332 16.36 4.82 -1.06
N ASP A 333 15.56 3.76 -0.93
CA ASP A 333 15.89 2.50 -1.60
C ASP A 333 15.13 2.31 -2.92
N GLY A 334 14.41 3.34 -3.33
CA GLY A 334 13.64 3.30 -4.57
C GLY A 334 12.40 2.44 -4.54
N LYS A 335 12.16 1.76 -3.42
CA LYS A 335 10.99 0.89 -3.29
C LYS A 335 9.85 1.61 -2.56
N ALA A 336 8.62 1.20 -2.86
CA ALA A 336 7.43 1.81 -2.28
C ALA A 336 6.25 0.91 -2.57
N TYR A 337 5.15 1.15 -1.86
CA TYR A 337 3.88 0.50 -2.17
C TYR A 337 2.98 1.62 -2.65
N GLY A 338 3.23 2.03 -3.89
CA GLY A 338 2.56 3.16 -4.50
C GLY A 338 1.19 2.83 -5.05
N PHE A 339 0.99 1.55 -5.38
CA PHE A 339 -0.31 1.02 -5.77
C PHE A 339 -0.30 -0.45 -5.35
N ALA A 340 -1.45 -1.12 -5.41
CA ALA A 340 -1.58 -2.43 -4.77
C ALA A 340 -0.61 -3.47 -5.27
N PHE A 341 -0.29 -3.43 -6.55
CA PHE A 341 0.58 -4.46 -7.14
C PHE A 341 1.99 -3.96 -7.47
N ASP A 342 2.49 -3.04 -6.67
CA ASP A 342 3.89 -2.60 -6.79
C ASP A 342 4.89 -3.73 -6.48
N ASP A 343 4.39 -4.85 -5.96
CA ASP A 343 5.25 -6.01 -5.75
C ASP A 343 5.59 -6.73 -7.05
N VAL A 344 4.90 -6.42 -8.14
CA VAL A 344 5.31 -6.96 -9.44
C VAL A 344 6.71 -6.45 -9.77
N GLY A 345 7.62 -7.37 -10.06
CA GLY A 345 9.03 -6.98 -10.26
C GLY A 345 9.82 -6.70 -8.98
N HIS A 346 9.18 -6.92 -7.83
CA HIS A 346 9.82 -6.78 -6.51
C HIS A 346 10.29 -5.35 -6.26
N HIS A 347 9.37 -4.40 -6.44
CA HIS A 347 9.70 -3.02 -6.24
C HIS A 347 9.00 -2.45 -5.02
N GLU A 348 8.45 -3.32 -4.18
CA GLU A 348 7.62 -2.86 -3.06
C GLU A 348 8.43 -2.76 -1.75
N SER A 349 8.02 -1.83 -0.89
CA SER A 349 8.70 -1.62 0.40
C SER A 349 8.19 -2.59 1.47
N LEU A 350 8.63 -3.85 1.37
CA LEU A 350 8.29 -4.88 2.36
C LEU A 350 9.57 -5.60 2.72
N VAL A 351 9.73 -5.94 3.99
CA VAL A 351 10.80 -6.85 4.40
C VAL A 351 10.24 -8.06 5.10
N HIS A 352 10.96 -9.16 5.01
CA HIS A 352 10.49 -10.46 5.50
C HIS A 352 11.65 -11.28 6.03
N ASP A 353 11.39 -12.07 7.07
CA ASP A 353 12.32 -13.15 7.43
C ASP A 353 11.55 -14.33 7.99
N GLY A 354 12.07 -15.54 7.76
CA GLY A 354 11.43 -16.77 8.21
C GLY A 354 11.65 -17.11 9.67
N ASP A 355 12.65 -16.51 10.30
CA ASP A 355 13.01 -16.83 11.68
C ASP A 355 13.39 -15.54 12.40
N PRO A 356 12.45 -14.60 12.47
CA PRO A 356 12.76 -13.26 12.98
C PRO A 356 13.10 -13.25 14.46
N ARG A 357 14.08 -12.40 14.83
CA ARG A 357 14.42 -12.16 16.22
C ARG A 357 13.70 -10.95 16.78
N GLY A 358 13.34 -10.01 15.92
CA GLY A 358 12.72 -8.77 16.37
C GLY A 358 12.32 -7.95 15.18
N ALA A 359 11.58 -6.87 15.43
CA ALA A 359 11.18 -5.96 14.37
C ALA A 359 11.33 -4.53 14.86
N SER A 360 11.28 -3.57 13.93
CA SER A 360 11.40 -2.16 14.29
C SER A 360 10.42 -1.30 13.50
N LEU A 361 9.96 -0.23 14.15
CA LEU A 361 9.18 0.81 13.51
C LEU A 361 9.79 2.11 13.97
N THR A 362 10.22 2.94 13.01
CA THR A 362 10.79 4.24 13.37
C THR A 362 9.92 5.35 12.81
N LEU A 363 9.49 6.25 13.68
CA LEU A 363 8.72 7.41 13.26
C LEU A 363 9.71 8.46 12.76
N ASP A 364 9.64 8.78 11.47
CA ASP A 364 10.66 9.59 10.82
C ASP A 364 10.30 11.07 10.81
N PRO A 365 11.30 11.92 10.57
CA PRO A 365 11.04 13.36 10.55
C PRO A 365 10.26 13.83 9.32
N PHE A 366 9.53 14.95 9.49
CA PHE A 366 8.69 15.52 8.44
C PHE A 366 9.51 16.40 7.54
N ASP A 367 10.51 15.76 6.93
CA ASP A 367 11.53 16.43 6.17
C ASP A 367 11.31 16.26 4.67
#